data_1RGY
#
_entry.id   1RGY
#
_cell.length_a   59.00
_cell.length_b   72.23
_cell.length_c   86.81
_cell.angle_alpha   90.00
_cell.angle_beta   90.00
_cell.angle_gamma   90.00
#
_symmetry.space_group_name_H-M   'P 21 21 21'
#
loop_
_entity.id
_entity.type
_entity.pdbx_description
1 polymer beta-lactamase
2 non-polymer '{[(2E)-2-(2-AMINO-1,3-THIAZOL-4-YL)-2-(METHOXYIMINO)ETHANOYL]AMINO}METHYLPHOSPHONIC ACID'
3 non-polymer (4S)-2-METHYL-2,4-PENTANEDIOL
4 water water
#
_entity_poly.entity_id   1
_entity_poly.type   'polypeptide(L)'
_entity_poly.pdbx_seq_one_letter_code
;AKTEQQIADIVNRTITPLMQEQAIPGMAVAIIYEGKPYYFTWGKADIANNHPVTQQTLFELGSVSKTFNGVLGGDAIARG
EIKLSDPVTKYWPELTGKQWRGISLLHLATYTAGGLPLQIPDDITDKAALLRFYQNWQPQWTPGAKRLYANSSIGLFGAL
AVKPSGMSYEEAMTRRVLQPLKLAHTWITVPQSEQKNYAWGYREGKPVHVSPGQLDAEAYGVKSSVIDMARWVQANMDAS
HVQEKTLQQGIELAQSRYWRIGDMYQGLGWEMLNWPLKADSIINGSDSKVALAALPAVEVNPPVPAVKASWVHKTGSTGG
FGSYVAFVPEKNLGIVMLANKSYPNPVRVEAAWRILEKLQ
;
_entity_poly.pdbx_strand_id   A
#
loop_
_chem_comp.id
_chem_comp.type
_chem_comp.name
_chem_comp.formula
MPD non-polymer (4S)-2-METHYL-2,4-PENTANEDIOL 'C6 H14 O2'
PTX non-polymer '{[(2E)-2-(2-AMINO-1,3-THIAZOL-4-YL)-2-(METHOXYIMINO)ETHANOYL]AMINO}METHYLPHOSPHONIC ACID' 'C7 H11 N4 O5 P S'
#
# COMPACT_ATOMS: atom_id res chain seq x y z
N ALA A 1 -30.65 -2.82 -4.79
CA ALA A 1 -29.49 -2.69 -5.71
C ALA A 1 -29.37 -1.26 -6.22
N LYS A 2 -28.29 -0.58 -5.85
CA LYS A 2 -28.05 0.79 -6.27
C LYS A 2 -27.72 0.89 -7.76
N THR A 3 -28.13 1.99 -8.37
CA THR A 3 -27.84 2.23 -9.79
C THR A 3 -26.56 3.06 -9.82
N GLU A 4 -25.91 3.13 -10.97
CA GLU A 4 -24.68 3.91 -11.07
C GLU A 4 -24.91 5.35 -10.63
N GLN A 5 -26.07 5.91 -10.97
CA GLN A 5 -26.39 7.29 -10.59
C GLN A 5 -26.63 7.45 -9.10
N GLN A 6 -27.17 6.42 -8.46
CA GLN A 6 -27.42 6.48 -7.02
C GLN A 6 -26.08 6.44 -6.27
N ILE A 7 -25.16 5.63 -6.78
CA ILE A 7 -23.84 5.53 -6.17
C ILE A 7 -23.16 6.89 -6.37
N ALA A 8 -23.26 7.42 -7.59
CA ALA A 8 -22.67 8.70 -7.91
C ALA A 8 -23.11 9.78 -6.91
N ASP A 9 -24.41 9.83 -6.61
CA ASP A 9 -24.93 10.82 -5.68
C ASP A 9 -24.29 10.68 -4.30
N ILE A 10 -24.16 9.44 -3.85
CA ILE A 10 -23.56 9.17 -2.56
C ILE A 10 -22.10 9.64 -2.53
N VAL A 11 -21.34 9.27 -3.55
CA VAL A 11 -19.94 9.65 -3.63
C VAL A 11 -19.74 11.17 -3.72
N ASN A 12 -20.46 11.82 -4.62
CA ASN A 12 -20.32 13.27 -4.78
C ASN A 12 -20.63 14.05 -3.50
N ARG A 13 -21.63 13.60 -2.75
CA ARG A 13 -22.01 14.28 -1.51
C ARG A 13 -20.87 14.37 -0.51
N THR A 14 -19.97 13.40 -0.56
CA THR A 14 -18.84 13.39 0.37
C THR A 14 -17.60 14.01 -0.25
N ILE A 15 -17.32 13.68 -1.51
CA ILE A 15 -16.13 14.18 -2.19
C ILE A 15 -16.14 15.67 -2.52
N THR A 16 -17.28 16.21 -2.93
CA THR A 16 -17.36 17.63 -3.27
C THR A 16 -16.91 18.49 -2.10
N PRO A 17 -17.54 18.34 -0.92
CA PRO A 17 -17.09 19.17 0.19
C PRO A 17 -15.66 18.86 0.63
N LEU A 18 -15.26 17.60 0.49
CA LEU A 18 -13.90 17.20 0.87
C LEU A 18 -12.86 17.96 0.06
N MET A 19 -13.03 17.98 -1.26
CA MET A 19 -12.09 18.68 -2.12
C MET A 19 -12.01 20.17 -1.83
N GLN A 20 -13.17 20.77 -1.56
CA GLN A 20 -13.21 22.20 -1.28
C GLN A 20 -12.52 22.53 0.05
N GLU A 21 -12.89 21.81 1.11
CA GLU A 21 -12.33 22.06 2.44
C GLU A 21 -10.83 21.79 2.52
N GLN A 22 -10.38 20.72 1.85
CA GLN A 22 -8.96 20.35 1.89
C GLN A 22 -8.16 20.97 0.75
N ALA A 23 -8.83 21.71 -0.12
CA ALA A 23 -8.17 22.37 -1.25
C ALA A 23 -7.43 21.35 -2.13
N ILE A 24 -8.11 20.25 -2.44
CA ILE A 24 -7.53 19.21 -3.28
C ILE A 24 -7.85 19.55 -4.74
N PRO A 25 -6.81 19.74 -5.57
CA PRO A 25 -7.04 20.08 -6.98
C PRO A 25 -7.82 19.05 -7.79
N GLY A 26 -7.46 17.78 -7.62
CA GLY A 26 -8.13 16.74 -8.36
C GLY A 26 -8.19 15.42 -7.61
N MET A 27 -9.23 14.65 -7.89
CA MET A 27 -9.40 13.36 -7.27
C MET A 27 -10.04 12.37 -8.22
N ALA A 28 -9.78 11.09 -7.96
CA ALA A 28 -10.37 10.02 -8.72
C ALA A 28 -10.78 9.01 -7.65
N VAL A 29 -12.01 8.52 -7.76
CA VAL A 29 -12.52 7.55 -6.80
C VAL A 29 -13.10 6.35 -7.52
N ALA A 30 -12.81 5.17 -7.01
CA ALA A 30 -13.37 3.94 -7.57
C ALA A 30 -14.20 3.33 -6.43
N ILE A 31 -15.37 2.84 -6.79
CA ILE A 31 -16.24 2.19 -5.82
C ILE A 31 -16.47 0.79 -6.35
N ILE A 32 -16.27 -0.22 -5.49
CA ILE A 32 -16.57 -1.58 -5.89
C ILE A 32 -17.83 -1.84 -5.11
N TYR A 33 -18.94 -2.09 -5.82
CA TYR A 33 -20.21 -2.34 -5.18
C TYR A 33 -20.73 -3.66 -5.74
N GLU A 34 -20.97 -4.60 -4.85
CA GLU A 34 -21.43 -5.93 -5.24
C GLU A 34 -20.50 -6.51 -6.31
N GLY A 35 -19.21 -6.27 -6.11
CA GLY A 35 -18.20 -6.79 -7.02
C GLY A 35 -17.99 -6.07 -8.33
N LYS A 36 -18.75 -5.01 -8.59
CA LYS A 36 -18.64 -4.25 -9.83
C LYS A 36 -17.99 -2.89 -9.63
N PRO A 37 -17.16 -2.45 -10.60
CA PRO A 37 -16.48 -1.15 -10.50
C PRO A 37 -17.27 0.05 -11.02
N TYR A 38 -17.09 1.18 -10.35
CA TYR A 38 -17.73 2.45 -10.70
C TYR A 38 -16.66 3.51 -10.52
N TYR A 39 -16.44 4.32 -11.55
CA TYR A 39 -15.40 5.36 -11.49
C TYR A 39 -15.93 6.78 -11.46
N PHE A 40 -15.21 7.64 -10.74
CA PHE A 40 -15.57 9.04 -10.65
C PHE A 40 -14.32 9.90 -10.64
N THR A 41 -14.39 11.04 -11.32
CA THR A 41 -13.25 11.94 -11.38
C THR A 41 -13.71 13.38 -11.20
N TRP A 42 -12.84 14.20 -10.61
CA TRP A 42 -13.14 15.61 -10.37
C TRP A 42 -11.88 16.43 -10.44
N GLY A 43 -12.03 17.70 -10.80
CA GLY A 43 -10.90 18.59 -10.81
C GLY A 43 -9.81 18.47 -11.83
N LYS A 44 -8.65 19.00 -11.45
CA LYS A 44 -7.51 19.06 -12.33
C LYS A 44 -6.31 18.22 -11.94
N ALA A 45 -5.70 17.62 -12.96
CA ALA A 45 -4.51 16.79 -12.78
C ALA A 45 -3.29 17.71 -12.91
N ASP A 46 -3.49 18.78 -13.67
CA ASP A 46 -2.44 19.77 -13.95
C ASP A 46 -3.13 21.14 -13.97
N ILE A 47 -2.89 21.93 -12.93
CA ILE A 47 -3.51 23.24 -12.80
C ILE A 47 -3.03 24.26 -13.83
N ALA A 48 -1.71 24.43 -13.94
CA ALA A 48 -1.15 25.41 -14.86
C ALA A 48 -1.60 25.21 -16.31
N ASN A 49 -1.66 23.96 -16.76
CA ASN A 49 -2.07 23.68 -18.13
C ASN A 49 -3.55 23.35 -18.26
N ASN A 50 -4.25 23.38 -17.13
CA ASN A 50 -5.69 23.12 -17.07
C ASN A 50 -6.10 21.77 -17.67
N HIS A 51 -5.48 20.70 -17.19
CA HIS A 51 -5.82 19.37 -17.67
C HIS A 51 -6.63 18.70 -16.58
N PRO A 52 -7.77 18.12 -16.95
CA PRO A 52 -8.64 17.45 -15.97
C PRO A 52 -8.18 16.06 -15.56
N VAL A 53 -8.69 15.61 -14.42
CA VAL A 53 -8.41 14.27 -13.97
C VAL A 53 -9.30 13.39 -14.85
N THR A 54 -8.75 12.29 -15.34
CA THR A 54 -9.50 11.36 -16.19
C THR A 54 -9.29 9.96 -15.62
N GLN A 55 -9.93 8.97 -16.22
CA GLN A 55 -9.78 7.60 -15.75
C GLN A 55 -8.39 7.06 -16.00
N GLN A 56 -7.60 7.79 -16.77
CA GLN A 56 -6.24 7.37 -17.07
C GLN A 56 -5.20 8.19 -16.32
N THR A 57 -5.65 9.15 -15.52
CA THR A 57 -4.70 9.95 -14.75
C THR A 57 -3.93 9.09 -13.74
N LEU A 58 -2.62 9.27 -13.72
CA LEU A 58 -1.76 8.53 -12.81
C LEU A 58 -1.51 9.34 -11.56
N PHE A 59 -1.73 8.72 -10.41
CA PHE A 59 -1.51 9.34 -9.10
C PHE A 59 -0.40 8.59 -8.38
N GLU A 60 0.38 9.28 -7.55
CA GLU A 60 1.43 8.63 -6.76
C GLU A 60 0.70 7.97 -5.59
N LEU A 61 0.86 6.65 -5.46
CA LEU A 61 0.19 5.89 -4.42
C LEU A 61 0.84 5.96 -3.05
N GLY A 62 2.08 6.44 -2.99
CA GLY A 62 2.73 6.46 -1.70
C GLY A 62 2.77 5.06 -1.13
N SER A 63 2.54 4.93 0.17
CA SER A 63 2.61 3.62 0.80
C SER A 63 1.60 2.56 0.39
N VAL A 64 0.62 2.91 -0.45
CA VAL A 64 -0.28 1.86 -0.92
C VAL A 64 0.61 0.94 -1.78
N SER A 65 1.80 1.43 -2.14
CA SER A 65 2.77 0.66 -2.92
C SER A 65 3.18 -0.58 -2.13
N LYS A 66 3.06 -0.50 -0.80
CA LYS A 66 3.43 -1.64 0.05
C LYS A 66 2.50 -2.84 -0.15
N THR A 67 1.28 -2.62 -0.61
CA THR A 67 0.37 -3.75 -0.85
C THR A 67 0.85 -4.53 -2.07
N PHE A 68 1.40 -3.83 -3.06
CA PHE A 68 1.93 -4.49 -4.25
C PHE A 68 3.15 -5.28 -3.81
N ASN A 69 3.96 -4.68 -2.94
CA ASN A 69 5.15 -5.31 -2.38
C ASN A 69 4.74 -6.63 -1.70
N GLY A 70 3.76 -6.55 -0.80
CA GLY A 70 3.32 -7.72 -0.07
C GLY A 70 2.82 -8.85 -0.95
N VAL A 71 2.04 -8.51 -1.96
CA VAL A 71 1.51 -9.50 -2.88
C VAL A 71 2.65 -10.15 -3.68
N LEU A 72 3.61 -9.34 -4.13
CA LEU A 72 4.73 -9.88 -4.90
C LEU A 72 5.51 -10.85 -4.01
N GLY A 73 5.65 -10.48 -2.74
CA GLY A 73 6.34 -11.35 -1.80
C GLY A 73 5.55 -12.63 -1.59
N GLY A 74 4.23 -12.50 -1.47
CA GLY A 74 3.39 -13.66 -1.29
C GLY A 74 3.53 -14.59 -2.49
N ASP A 75 3.60 -13.99 -3.68
CA ASP A 75 3.75 -14.76 -4.91
C ASP A 75 5.09 -15.50 -4.89
N ALA A 76 6.13 -14.86 -4.39
CA ALA A 76 7.45 -15.50 -4.31
C ALA A 76 7.40 -16.68 -3.33
N ILE A 77 6.63 -16.54 -2.26
CA ILE A 77 6.48 -17.61 -1.28
C ILE A 77 5.77 -18.80 -1.95
N ALA A 78 4.70 -18.50 -2.68
CA ALA A 78 3.94 -19.53 -3.38
C ALA A 78 4.76 -20.23 -4.44
N ARG A 79 5.76 -19.53 -4.99
CA ARG A 79 6.63 -20.09 -6.01
C ARG A 79 7.72 -20.96 -5.39
N GLY A 80 7.80 -20.93 -4.07
CA GLY A 80 8.81 -21.71 -3.37
C GLY A 80 10.17 -21.05 -3.40
N GLU A 81 10.21 -19.78 -3.78
CA GLU A 81 11.47 -19.04 -3.87
C GLU A 81 11.97 -18.50 -2.53
N ILE A 82 11.04 -18.18 -1.64
CA ILE A 82 11.40 -17.68 -0.32
C ILE A 82 10.41 -18.22 0.71
N LYS A 83 10.79 -18.09 1.98
CA LYS A 83 9.95 -18.51 3.10
C LYS A 83 10.01 -17.35 4.09
N LEU A 84 8.87 -17.01 4.69
CA LEU A 84 8.87 -15.91 5.64
C LEU A 84 9.78 -16.21 6.83
N SER A 85 10.00 -17.48 7.11
CA SER A 85 10.86 -17.88 8.23
C SER A 85 12.36 -17.77 7.92
N ASP A 86 12.72 -17.59 6.65
CA ASP A 86 14.12 -17.49 6.26
C ASP A 86 14.80 -16.29 6.90
N PRO A 87 16.05 -16.47 7.33
CA PRO A 87 16.77 -15.36 7.94
C PRO A 87 17.16 -14.34 6.86
N VAL A 88 17.16 -13.08 7.22
CA VAL A 88 17.54 -12.01 6.30
C VAL A 88 18.93 -12.26 5.71
N THR A 89 19.81 -12.84 6.51
CA THR A 89 21.17 -13.13 6.10
C THR A 89 21.27 -14.16 4.96
N LYS A 90 20.20 -14.91 4.75
CA LYS A 90 20.20 -15.89 3.66
C LYS A 90 20.18 -15.18 2.32
N TYR A 91 19.52 -14.03 2.28
CA TYR A 91 19.39 -13.24 1.07
C TYR A 91 20.38 -12.09 0.97
N TRP A 92 20.95 -11.71 2.11
CA TRP A 92 21.96 -10.65 2.14
C TRP A 92 23.05 -11.08 3.13
N PRO A 93 23.90 -12.02 2.70
CA PRO A 93 25.01 -12.56 3.50
C PRO A 93 25.93 -11.48 4.06
N GLU A 94 26.07 -10.38 3.32
CA GLU A 94 26.93 -9.28 3.75
C GLU A 94 26.51 -8.65 5.08
N LEU A 95 25.30 -8.94 5.54
CA LEU A 95 24.83 -8.40 6.81
C LEU A 95 25.34 -9.31 7.91
N THR A 96 26.63 -9.20 8.20
CA THR A 96 27.30 -10.02 9.20
C THR A 96 26.99 -9.67 10.66
N GLY A 97 26.57 -8.43 10.90
CA GLY A 97 26.26 -8.00 12.26
C GLY A 97 25.49 -9.02 13.07
N LYS A 98 25.90 -9.22 14.32
CA LYS A 98 25.26 -10.18 15.19
C LYS A 98 23.81 -9.78 15.51
N GLN A 99 23.51 -8.48 15.42
CA GLN A 99 22.17 -8.01 15.71
C GLN A 99 21.17 -8.53 14.68
N TRP A 100 21.68 -9.01 13.54
CA TRP A 100 20.81 -9.53 12.49
C TRP A 100 20.43 -11.00 12.67
N ARG A 101 21.07 -11.67 13.61
CA ARG A 101 20.74 -13.07 13.86
C ARG A 101 19.34 -13.12 14.43
N GLY A 102 18.51 -14.04 13.93
CA GLY A 102 17.16 -14.15 14.44
C GLY A 102 16.14 -13.25 13.77
N ILE A 103 16.58 -12.40 12.85
CA ILE A 103 15.67 -11.52 12.13
C ILE A 103 15.32 -12.20 10.80
N SER A 104 14.02 -12.43 10.60
CA SER A 104 13.51 -13.11 9.41
C SER A 104 12.90 -12.18 8.39
N LEU A 105 12.55 -12.73 7.23
CA LEU A 105 11.92 -11.94 6.18
C LEU A 105 10.57 -11.47 6.72
N LEU A 106 9.93 -12.28 7.57
CA LEU A 106 8.64 -11.91 8.14
C LEU A 106 8.80 -10.63 8.95
N HIS A 107 9.86 -10.55 9.75
CA HIS A 107 10.10 -9.38 10.57
C HIS A 107 10.22 -8.13 9.70
N LEU A 108 10.96 -8.22 8.60
CA LEU A 108 11.11 -7.07 7.71
C LEU A 108 9.77 -6.68 7.11
N ALA A 109 9.05 -7.66 6.61
CA ALA A 109 7.77 -7.43 5.95
C ALA A 109 6.71 -6.82 6.85
N THR A 110 6.77 -7.15 8.14
CA THR A 110 5.77 -6.69 9.09
C THR A 110 6.24 -5.64 10.11
N TYR A 111 7.36 -4.99 9.83
CA TYR A 111 7.88 -3.94 10.70
C TYR A 111 8.19 -4.39 12.13
N THR A 112 8.49 -5.67 12.32
CA THR A 112 8.77 -6.19 13.65
C THR A 112 10.22 -6.60 13.89
N ALA A 113 11.13 -6.14 13.04
CA ALA A 113 12.55 -6.49 13.16
C ALA A 113 13.21 -5.94 14.42
N GLY A 114 12.67 -4.86 14.97
CA GLY A 114 13.26 -4.28 16.17
C GLY A 114 13.53 -2.79 16.11
N GLY A 115 12.76 -2.07 15.31
CA GLY A 115 12.97 -0.64 15.24
C GLY A 115 13.74 -0.10 14.06
N LEU A 116 13.66 -0.74 12.90
CA LEU A 116 14.32 -0.19 11.73
C LEU A 116 13.58 1.15 11.58
N PRO A 117 14.30 2.21 11.18
CA PRO A 117 13.71 3.55 11.03
C PRO A 117 12.65 3.75 9.95
N LEU A 118 11.75 4.70 10.22
CA LEU A 118 10.68 5.04 9.29
C LEU A 118 11.25 5.32 7.90
N GLN A 119 12.32 6.12 7.86
CA GLN A 119 12.95 6.47 6.59
C GLN A 119 14.39 6.01 6.52
N ILE A 120 14.84 5.71 5.32
CA ILE A 120 16.24 5.36 5.11
C ILE A 120 16.89 6.75 5.08
N PRO A 121 17.95 6.95 5.87
CA PRO A 121 18.64 8.25 5.91
C PRO A 121 18.86 8.87 4.53
N ASP A 122 18.55 10.17 4.43
CA ASP A 122 18.69 10.91 3.18
C ASP A 122 20.11 10.95 2.62
N ASP A 123 21.10 10.83 3.51
CA ASP A 123 22.50 10.84 3.10
C ASP A 123 22.90 9.59 2.34
N ILE A 124 22.05 8.56 2.39
CA ILE A 124 22.32 7.31 1.70
C ILE A 124 21.87 7.42 0.25
N THR A 125 22.83 7.47 -0.68
CA THR A 125 22.51 7.61 -2.09
C THR A 125 23.14 6.54 -2.98
N ASP A 126 23.69 5.50 -2.37
CA ASP A 126 24.30 4.42 -3.15
C ASP A 126 24.27 3.09 -2.41
N LYS A 127 24.43 2.00 -3.16
CA LYS A 127 24.39 0.66 -2.58
C LYS A 127 25.33 0.48 -1.40
N ALA A 128 26.59 0.89 -1.57
CA ALA A 128 27.59 0.76 -0.52
C ALA A 128 27.13 1.42 0.78
N ALA A 129 26.57 2.62 0.67
CA ALA A 129 26.09 3.35 1.83
C ALA A 129 24.88 2.66 2.46
N LEU A 130 24.06 2.04 1.63
CA LEU A 130 22.87 1.35 2.11
C LEU A 130 23.30 0.13 2.93
N LEU A 131 24.35 -0.55 2.48
CA LEU A 131 24.86 -1.71 3.19
C LEU A 131 25.38 -1.28 4.56
N ARG A 132 26.17 -0.21 4.59
CA ARG A 132 26.71 0.28 5.85
C ARG A 132 25.58 0.64 6.81
N PHE A 133 24.53 1.25 6.28
CA PHE A 133 23.38 1.64 7.09
C PHE A 133 22.78 0.46 7.84
N TYR A 134 22.41 -0.59 7.11
CA TYR A 134 21.81 -1.75 7.74
C TYR A 134 22.81 -2.48 8.64
N GLN A 135 24.07 -2.50 8.21
CA GLN A 135 25.13 -3.16 9.00
C GLN A 135 25.33 -2.53 10.36
N ASN A 136 25.25 -1.20 10.43
CA ASN A 136 25.45 -0.49 11.69
C ASN A 136 24.17 -0.21 12.47
N TRP A 137 23.02 -0.57 11.92
CA TRP A 137 21.76 -0.35 12.62
C TRP A 137 21.71 -1.15 13.92
N GLN A 138 21.32 -0.51 15.00
CA GLN A 138 21.23 -1.16 16.30
C GLN A 138 19.76 -1.34 16.69
N PRO A 139 19.32 -2.60 16.85
CA PRO A 139 17.93 -2.90 17.22
C PRO A 139 17.53 -2.21 18.53
N GLN A 140 16.32 -1.67 18.56
CA GLN A 140 15.82 -0.99 19.74
C GLN A 140 15.09 -2.02 20.62
N TRP A 141 14.61 -3.09 20.00
CA TRP A 141 13.90 -4.15 20.70
C TRP A 141 14.25 -5.48 20.06
N THR A 142 13.94 -6.57 20.75
CA THR A 142 14.22 -7.90 20.24
C THR A 142 13.27 -8.20 19.08
N PRO A 143 13.67 -9.11 18.17
CA PRO A 143 12.81 -9.45 17.03
C PRO A 143 11.41 -9.89 17.46
N GLY A 144 10.40 -9.30 16.83
CA GLY A 144 9.02 -9.64 17.11
C GLY A 144 8.38 -8.99 18.32
N ALA A 145 9.16 -8.23 19.09
CA ALA A 145 8.61 -7.59 20.28
C ALA A 145 7.68 -6.41 20.00
N LYS A 146 8.08 -5.55 19.08
CA LYS A 146 7.27 -4.38 18.76
C LYS A 146 7.19 -4.10 17.26
N ARG A 147 6.10 -3.45 16.88
CA ARG A 147 5.87 -3.06 15.50
C ARG A 147 6.12 -1.56 15.39
N LEU A 148 6.95 -1.18 14.44
CA LEU A 148 7.23 0.22 14.20
C LEU A 148 7.20 0.40 12.69
N TYR A 149 6.09 0.96 12.19
CA TYR A 149 5.93 1.16 10.76
C TYR A 149 7.19 1.81 10.19
N ALA A 150 7.70 1.25 9.10
CA ALA A 150 8.94 1.77 8.53
C ALA A 150 9.17 1.41 7.08
N ASN A 151 9.57 2.40 6.29
CA ASN A 151 9.87 2.15 4.89
C ASN A 151 11.13 1.30 4.79
N SER A 152 12.07 1.51 5.71
CA SER A 152 13.34 0.77 5.69
C SER A 152 13.18 -0.71 5.97
N SER A 153 12.06 -1.07 6.58
CA SER A 153 11.80 -2.47 6.90
C SER A 153 11.18 -3.22 5.72
N ILE A 154 9.95 -2.85 5.34
CA ILE A 154 9.30 -3.53 4.23
C ILE A 154 9.99 -3.24 2.90
N GLY A 155 10.70 -2.12 2.83
CA GLY A 155 11.42 -1.79 1.62
C GLY A 155 12.49 -2.84 1.37
N LEU A 156 13.20 -3.21 2.43
CA LEU A 156 14.25 -4.22 2.31
C LEU A 156 13.61 -5.58 2.01
N PHE A 157 12.47 -5.88 2.62
CA PHE A 157 11.80 -7.15 2.36
C PHE A 157 11.52 -7.33 0.87
N GLY A 158 11.00 -6.28 0.25
CA GLY A 158 10.70 -6.37 -1.17
C GLY A 158 11.93 -6.61 -2.01
N ALA A 159 13.02 -5.93 -1.68
CA ALA A 159 14.27 -6.06 -2.43
C ALA A 159 14.85 -7.47 -2.31
N LEU A 160 14.75 -8.06 -1.13
CA LEU A 160 15.28 -9.40 -0.93
C LEU A 160 14.33 -10.48 -1.46
N ALA A 161 13.03 -10.22 -1.40
CA ALA A 161 12.04 -11.18 -1.86
C ALA A 161 12.18 -11.57 -3.33
N VAL A 162 12.64 -10.64 -4.16
CA VAL A 162 12.79 -10.90 -5.59
C VAL A 162 14.18 -11.39 -6.00
N LYS A 163 15.10 -11.52 -5.06
CA LYS A 163 16.44 -11.96 -5.42
C LYS A 163 16.50 -13.34 -6.09
N PRO A 164 15.80 -14.34 -5.53
CA PRO A 164 15.85 -15.66 -6.18
C PRO A 164 15.34 -15.65 -7.62
N SER A 165 14.41 -14.74 -7.92
CA SER A 165 13.86 -14.67 -9.27
C SER A 165 14.89 -14.25 -10.30
N GLY A 166 15.91 -13.51 -9.86
CA GLY A 166 16.93 -13.06 -10.78
C GLY A 166 16.55 -11.78 -11.50
N MET A 167 15.34 -11.28 -11.22
CA MET A 167 14.84 -10.05 -11.84
C MET A 167 14.94 -8.90 -10.86
N SER A 168 14.91 -7.69 -11.41
CA SER A 168 14.92 -6.50 -10.56
C SER A 168 13.52 -6.44 -9.96
N TYR A 169 13.36 -5.64 -8.91
CA TYR A 169 12.07 -5.50 -8.26
C TYR A 169 11.02 -5.00 -9.28
N GLU A 170 11.40 -4.01 -10.06
CA GLU A 170 10.49 -3.46 -11.06
C GLU A 170 10.10 -4.49 -12.13
N GLU A 171 11.06 -5.27 -12.60
CA GLU A 171 10.75 -6.28 -13.61
C GLU A 171 9.88 -7.40 -13.03
N ALA A 172 10.21 -7.83 -11.81
CA ALA A 172 9.44 -8.88 -11.16
C ALA A 172 7.99 -8.41 -10.95
N MET A 173 7.85 -7.18 -10.45
CA MET A 173 6.51 -6.64 -10.22
C MET A 173 5.70 -6.59 -11.50
N THR A 174 6.32 -6.12 -12.58
CA THR A 174 5.67 -5.99 -13.87
C THR A 174 5.23 -7.33 -14.44
N ARG A 175 6.13 -8.29 -14.44
CA ARG A 175 5.82 -9.59 -15.00
C ARG A 175 4.96 -10.52 -14.16
N ARG A 176 5.08 -10.42 -12.84
CA ARG A 176 4.35 -11.31 -11.94
C ARG A 176 3.07 -10.76 -11.33
N VAL A 177 2.91 -9.45 -11.33
CA VAL A 177 1.71 -8.85 -10.74
C VAL A 177 0.94 -7.93 -11.69
N LEU A 178 1.61 -6.90 -12.20
CA LEU A 178 0.95 -5.93 -13.07
C LEU A 178 0.40 -6.52 -14.37
N GLN A 179 1.24 -7.24 -15.11
CA GLN A 179 0.75 -7.79 -16.37
C GLN A 179 -0.32 -8.86 -16.21
N PRO A 180 -0.12 -9.82 -15.28
CA PRO A 180 -1.16 -10.86 -15.12
C PRO A 180 -2.53 -10.26 -14.77
N LEU A 181 -2.52 -9.18 -13.98
CA LEU A 181 -3.76 -8.52 -13.58
C LEU A 181 -4.23 -7.45 -14.55
N LYS A 182 -3.51 -7.29 -15.66
CA LYS A 182 -3.84 -6.31 -16.68
C LYS A 182 -3.86 -4.88 -16.16
N LEU A 183 -2.89 -4.56 -15.31
CA LEU A 183 -2.78 -3.21 -14.77
C LEU A 183 -1.82 -2.48 -15.70
N ALA A 184 -2.33 -2.10 -16.87
CA ALA A 184 -1.56 -1.43 -17.91
C ALA A 184 -1.27 0.04 -17.66
N HIS A 185 -1.85 0.58 -16.58
CA HIS A 185 -1.63 1.97 -16.23
C HIS A 185 -1.10 2.09 -14.81
N THR A 186 -0.24 1.14 -14.45
CA THR A 186 0.39 1.13 -13.14
C THR A 186 1.88 1.04 -13.39
N TRP A 187 2.63 1.96 -12.78
CA TRP A 187 4.07 2.00 -13.02
C TRP A 187 4.93 2.34 -11.83
N ILE A 188 6.16 1.82 -11.85
CA ILE A 188 7.13 2.17 -10.83
C ILE A 188 7.90 3.33 -11.47
N THR A 189 8.09 3.23 -12.78
CA THR A 189 8.75 4.27 -13.57
C THR A 189 7.77 4.62 -14.68
N VAL A 190 7.22 5.83 -14.65
CA VAL A 190 6.29 6.24 -15.69
C VAL A 190 7.06 6.46 -16.98
N PRO A 191 6.67 5.76 -18.05
CA PRO A 191 7.36 5.91 -19.34
C PRO A 191 7.05 7.24 -19.99
N GLN A 192 7.94 7.66 -20.89
CA GLN A 192 7.76 8.94 -21.56
C GLN A 192 6.38 9.05 -22.20
N SER A 193 5.90 7.97 -22.81
CA SER A 193 4.61 7.97 -23.50
C SER A 193 3.39 8.16 -22.59
N GLU A 194 3.59 7.98 -21.29
CA GLU A 194 2.47 8.13 -20.35
C GLU A 194 2.58 9.37 -19.47
N GLN A 195 3.62 10.16 -19.66
CA GLN A 195 3.79 11.34 -18.85
C GLN A 195 2.62 12.31 -18.97
N LYS A 196 1.98 12.32 -20.14
CA LYS A 196 0.86 13.20 -20.37
C LYS A 196 -0.28 12.91 -19.39
N ASN A 197 -0.29 11.70 -18.84
CA ASN A 197 -1.34 11.30 -17.89
C ASN A 197 -0.91 11.36 -16.44
N TYR A 198 0.37 11.66 -16.21
CA TYR A 198 0.92 11.74 -14.86
C TYR A 198 0.52 13.06 -14.22
N ALA A 199 -0.39 13.01 -13.25
CA ALA A 199 -0.83 14.24 -12.60
C ALA A 199 0.29 14.85 -11.79
N TRP A 200 0.21 16.16 -11.61
CA TRP A 200 1.16 16.82 -10.74
C TRP A 200 0.56 16.69 -9.35
N GLY A 201 1.42 16.60 -8.34
CA GLY A 201 0.95 16.57 -6.97
C GLY A 201 1.07 18.02 -6.55
N TYR A 202 0.36 18.43 -5.51
CA TYR A 202 0.45 19.82 -5.08
C TYR A 202 0.69 19.97 -3.60
N ARG A 203 1.72 20.74 -3.27
CA ARG A 203 2.08 21.01 -1.88
C ARG A 203 2.19 22.52 -1.80
N GLU A 204 1.40 23.13 -0.92
CA GLU A 204 1.38 24.58 -0.77
C GLU A 204 1.09 25.24 -2.11
N GLY A 205 0.27 24.57 -2.91
CA GLY A 205 -0.12 25.09 -4.21
C GLY A 205 0.93 24.99 -5.31
N LYS A 206 2.03 24.29 -5.04
CA LYS A 206 3.10 24.14 -6.01
C LYS A 206 3.16 22.71 -6.56
N PRO A 207 3.30 22.57 -7.89
CA PRO A 207 3.37 21.23 -8.49
C PRO A 207 4.66 20.51 -8.16
N VAL A 208 4.53 19.25 -7.74
CA VAL A 208 5.68 18.45 -7.36
C VAL A 208 5.46 16.96 -7.62
N HIS A 209 6.56 16.27 -7.92
CA HIS A 209 6.55 14.82 -8.13
C HIS A 209 7.55 14.25 -7.14
N VAL A 210 7.28 13.02 -6.70
CA VAL A 210 8.16 12.36 -5.74
C VAL A 210 9.57 12.25 -6.31
N SER A 211 10.58 12.42 -5.47
CA SER A 211 11.97 12.34 -5.93
C SER A 211 12.51 10.93 -5.70
N PRO A 212 13.54 10.56 -6.46
CA PRO A 212 14.12 9.22 -6.30
C PRO A 212 14.69 9.05 -4.88
N GLY A 213 14.59 7.84 -4.35
CA GLY A 213 15.10 7.56 -3.02
C GLY A 213 15.40 6.09 -2.89
N GLN A 214 16.20 5.73 -1.88
CA GLN A 214 16.55 4.33 -1.68
C GLN A 214 15.31 3.48 -1.40
N LEU A 215 15.21 2.35 -2.10
CA LEU A 215 14.09 1.41 -1.94
C LEU A 215 12.75 2.10 -2.07
N ASP A 216 12.69 3.11 -2.94
CA ASP A 216 11.45 3.85 -3.13
C ASP A 216 10.34 3.02 -3.79
N ALA A 217 10.67 2.30 -4.86
CA ALA A 217 9.66 1.50 -5.55
C ALA A 217 8.99 0.52 -4.59
N GLU A 218 9.81 -0.09 -3.74
CA GLU A 218 9.34 -1.07 -2.77
C GLU A 218 8.45 -0.51 -1.67
N ALA A 219 8.72 0.71 -1.25
CA ALA A 219 7.97 1.29 -0.14
C ALA A 219 6.92 2.35 -0.46
N TYR A 220 7.16 3.16 -1.48
CA TYR A 220 6.21 4.24 -1.74
C TYR A 220 6.24 4.82 -3.15
N GLY A 221 6.85 4.12 -4.10
CA GLY A 221 6.97 4.70 -5.43
C GLY A 221 6.07 4.33 -6.60
N VAL A 222 5.02 3.55 -6.36
CA VAL A 222 4.14 3.16 -7.45
C VAL A 222 3.15 4.26 -7.82
N LYS A 223 2.88 4.39 -9.11
CA LYS A 223 1.90 5.35 -9.66
C LYS A 223 0.81 4.51 -10.34
N SER A 224 -0.45 4.90 -10.21
CA SER A 224 -1.51 4.13 -10.85
C SER A 224 -2.74 4.98 -11.12
N SER A 225 -3.63 4.45 -11.96
CA SER A 225 -4.87 5.13 -12.34
C SER A 225 -6.05 4.60 -11.53
N VAL A 226 -7.17 5.28 -11.62
CA VAL A 226 -8.34 4.85 -10.87
C VAL A 226 -8.88 3.51 -11.38
N ILE A 227 -8.76 3.26 -12.68
CA ILE A 227 -9.23 1.99 -13.23
C ILE A 227 -8.36 0.84 -12.73
N ASP A 228 -7.05 1.03 -12.78
CA ASP A 228 -6.14 -0.02 -12.31
C ASP A 228 -6.29 -0.28 -10.81
N MET A 229 -6.49 0.78 -10.04
CA MET A 229 -6.64 0.58 -8.60
C MET A 229 -7.95 -0.12 -8.27
N ALA A 230 -8.98 0.09 -9.09
CA ALA A 230 -10.24 -0.61 -8.86
C ALA A 230 -9.98 -2.10 -9.11
N ARG A 231 -9.20 -2.40 -10.15
CA ARG A 231 -8.87 -3.79 -10.49
C ARG A 231 -8.03 -4.41 -9.38
N TRP A 232 -7.13 -3.60 -8.81
CA TRP A 232 -6.27 -4.07 -7.73
C TRP A 232 -7.14 -4.43 -6.52
N VAL A 233 -8.12 -3.58 -6.22
CA VAL A 233 -9.00 -3.87 -5.08
C VAL A 233 -9.80 -5.14 -5.36
N GLN A 234 -10.37 -5.27 -6.56
CA GLN A 234 -11.15 -6.46 -6.88
C GLN A 234 -10.33 -7.73 -6.75
N ALA A 235 -9.10 -7.71 -7.28
CA ALA A 235 -8.23 -8.87 -7.23
C ALA A 235 -7.86 -9.26 -5.80
N ASN A 236 -7.64 -8.26 -4.96
CA ASN A 236 -7.28 -8.57 -3.58
C ASN A 236 -8.50 -8.94 -2.75
N MET A 237 -9.65 -8.38 -3.08
CA MET A 237 -10.87 -8.68 -2.35
C MET A 237 -11.30 -10.12 -2.55
N ASP A 238 -11.25 -10.58 -3.80
CA ASP A 238 -11.63 -11.95 -4.16
C ASP A 238 -10.73 -12.38 -5.29
N ALA A 239 -9.69 -13.14 -4.96
CA ALA A 239 -8.73 -13.62 -5.95
C ALA A 239 -9.15 -14.90 -6.64
N SER A 240 -10.39 -15.34 -6.44
CA SER A 240 -10.86 -16.57 -7.07
C SER A 240 -10.84 -16.50 -8.59
N HIS A 241 -10.85 -15.29 -9.13
CA HIS A 241 -10.84 -15.11 -10.58
C HIS A 241 -9.45 -14.94 -11.16
N VAL A 242 -8.45 -14.84 -10.29
CA VAL A 242 -7.07 -14.68 -10.73
C VAL A 242 -6.59 -16.02 -11.27
N GLN A 243 -6.18 -16.03 -12.54
CA GLN A 243 -5.75 -17.24 -13.21
C GLN A 243 -4.42 -17.83 -12.75
N GLU A 244 -3.40 -16.99 -12.57
CA GLU A 244 -2.10 -17.50 -12.16
C GLU A 244 -2.14 -17.96 -10.70
N LYS A 245 -1.91 -19.25 -10.50
CA LYS A 245 -1.95 -19.88 -9.20
C LYS A 245 -1.11 -19.24 -8.09
N THR A 246 0.16 -18.98 -8.36
CA THR A 246 0.98 -18.40 -7.31
C THR A 246 0.57 -16.96 -6.98
N LEU A 247 0.03 -16.25 -7.96
CA LEU A 247 -0.41 -14.86 -7.72
C LEU A 247 -1.66 -14.91 -6.85
N GLN A 248 -2.58 -15.80 -7.18
CA GLN A 248 -3.80 -15.99 -6.40
C GLN A 248 -3.42 -16.31 -4.96
N GLN A 249 -2.46 -17.21 -4.80
CA GLN A 249 -2.01 -17.61 -3.47
C GLN A 249 -1.27 -16.48 -2.78
N GLY A 250 -0.47 -15.73 -3.54
CA GLY A 250 0.27 -14.61 -2.98
C GLY A 250 -0.67 -13.54 -2.46
N ILE A 251 -1.75 -13.29 -3.19
CA ILE A 251 -2.73 -12.31 -2.76
C ILE A 251 -3.31 -12.75 -1.42
N GLU A 252 -3.67 -14.03 -1.32
CA GLU A 252 -4.22 -14.54 -0.07
C GLU A 252 -3.25 -14.41 1.08
N LEU A 253 -1.98 -14.75 0.83
CA LEU A 253 -0.96 -14.66 1.87
C LEU A 253 -0.77 -13.25 2.39
N ALA A 254 -0.96 -12.25 1.54
CA ALA A 254 -0.78 -10.85 1.95
C ALA A 254 -1.86 -10.42 2.95
N GLN A 255 -2.94 -11.17 3.03
CA GLN A 255 -4.01 -10.87 3.97
C GLN A 255 -4.04 -11.83 5.15
N SER A 256 -3.02 -12.67 5.27
CA SER A 256 -2.97 -13.54 6.44
C SER A 256 -2.65 -12.59 7.59
N ARG A 257 -3.06 -12.96 8.79
CA ARG A 257 -2.80 -12.13 9.96
C ARG A 257 -1.57 -12.67 10.68
N TYR A 258 -0.49 -11.90 10.64
CA TYR A 258 0.78 -12.30 11.24
C TYR A 258 1.01 -11.78 12.64
N TRP A 259 0.42 -10.63 12.94
CA TRP A 259 0.57 -10.01 14.25
C TRP A 259 -0.69 -9.23 14.58
N ARG A 260 -0.98 -9.10 15.87
CA ARG A 260 -2.12 -8.30 16.29
C ARG A 260 -1.55 -7.15 17.09
N ILE A 261 -1.94 -5.94 16.74
CA ILE A 261 -1.49 -4.73 17.42
C ILE A 261 -2.78 -4.02 17.80
N GLY A 262 -3.20 -4.17 19.05
CA GLY A 262 -4.45 -3.56 19.46
C GLY A 262 -5.53 -4.35 18.72
N ASP A 263 -6.39 -3.66 17.98
CA ASP A 263 -7.43 -4.36 17.23
C ASP A 263 -7.07 -4.48 15.75
N MET A 264 -5.86 -4.10 15.38
CA MET A 264 -5.45 -4.21 13.98
C MET A 264 -4.54 -5.42 13.79
N TYR A 265 -4.65 -6.04 12.62
CA TYR A 265 -3.82 -7.20 12.30
C TYR A 265 -2.92 -6.84 11.12
N GLN A 266 -1.65 -7.20 11.22
CA GLN A 266 -0.69 -6.89 10.17
C GLN A 266 -0.57 -8.01 9.14
N GLY A 267 -0.76 -7.67 7.87
CA GLY A 267 -0.60 -8.65 6.82
C GLY A 267 0.68 -8.27 6.10
N LEU A 268 0.80 -8.63 4.83
CA LEU A 268 1.98 -8.22 4.08
C LEU A 268 1.54 -6.98 3.29
N GLY A 269 1.90 -5.80 3.81
CA GLY A 269 1.50 -4.56 3.17
C GLY A 269 0.13 -4.16 3.69
N TRP A 270 -0.87 -4.99 3.41
CA TRP A 270 -2.23 -4.74 3.88
C TRP A 270 -2.33 -4.81 5.41
N GLU A 271 -3.26 -4.03 5.95
CA GLU A 271 -3.54 -4.04 7.37
C GLU A 271 -5.02 -4.38 7.45
N MET A 272 -5.42 -5.12 8.47
CA MET A 272 -6.80 -5.55 8.61
C MET A 272 -7.39 -5.39 9.99
N LEU A 273 -8.71 -5.19 10.02
CA LEU A 273 -9.46 -5.13 11.26
C LEU A 273 -10.67 -6.04 11.08
N ASN A 274 -11.19 -6.59 12.17
CA ASN A 274 -12.36 -7.43 12.03
C ASN A 274 -13.57 -6.59 11.62
N TRP A 275 -14.44 -7.21 10.83
CA TRP A 275 -15.67 -6.57 10.36
C TRP A 275 -16.86 -7.36 10.91
N PRO A 276 -17.91 -6.67 11.40
CA PRO A 276 -18.07 -5.21 11.47
C PRO A 276 -17.19 -4.50 12.48
N LEU A 277 -17.14 -3.18 12.32
CA LEU A 277 -16.37 -2.34 13.21
C LEU A 277 -17.05 -0.99 13.33
N LYS A 278 -16.52 -0.14 14.18
CA LYS A 278 -17.06 1.19 14.36
C LYS A 278 -16.01 2.15 13.83
N ALA A 279 -16.46 3.23 13.23
CA ALA A 279 -15.59 4.22 12.61
C ALA A 279 -14.37 4.68 13.43
N ASP A 280 -14.55 4.91 14.72
CA ASP A 280 -13.44 5.39 15.55
C ASP A 280 -12.16 4.57 15.47
N SER A 281 -12.27 3.25 15.46
CA SER A 281 -11.09 2.39 15.41
C SER A 281 -10.17 2.70 14.22
N ILE A 282 -10.74 2.79 13.03
CA ILE A 282 -9.94 3.06 11.85
C ILE A 282 -9.56 4.53 11.66
N ILE A 283 -10.46 5.43 12.03
CA ILE A 283 -10.16 6.85 11.91
C ILE A 283 -9.04 7.23 12.88
N ASN A 284 -9.22 6.89 14.15
CA ASN A 284 -8.21 7.20 15.15
C ASN A 284 -6.93 6.41 14.88
N GLY A 285 -7.08 5.18 14.38
CA GLY A 285 -5.92 4.37 14.10
C GLY A 285 -5.04 4.92 12.99
N SER A 286 -5.62 5.74 12.12
CA SER A 286 -4.86 6.31 11.01
C SER A 286 -4.09 7.58 11.38
N ASP A 287 -4.37 8.12 12.56
CA ASP A 287 -3.66 9.31 13.02
C ASP A 287 -2.20 8.88 13.26
N SER A 288 -1.25 9.74 12.90
CA SER A 288 0.15 9.40 13.09
C SER A 288 0.52 9.04 14.52
N LYS A 289 -0.25 9.57 15.48
CA LYS A 289 0.01 9.29 16.89
C LYS A 289 -0.09 7.79 17.16
N VAL A 290 -0.84 7.09 16.32
CA VAL A 290 -1.01 5.66 16.47
C VAL A 290 -0.26 4.93 15.35
N ALA A 291 -0.56 5.30 14.12
CA ALA A 291 0.04 4.68 12.94
C ALA A 291 1.58 4.64 12.92
N LEU A 292 2.22 5.67 13.46
CA LEU A 292 3.69 5.70 13.45
C LEU A 292 4.32 5.35 14.79
N ALA A 293 3.50 5.03 15.78
CA ALA A 293 4.00 4.68 17.10
C ALA A 293 4.56 3.26 17.22
N ALA A 294 5.51 3.09 18.13
CA ALA A 294 6.10 1.78 18.39
C ALA A 294 5.15 1.10 19.35
N LEU A 295 4.51 0.02 18.90
CA LEU A 295 3.54 -0.69 19.73
C LEU A 295 3.85 -2.17 19.90
N PRO A 296 3.42 -2.77 21.02
CA PRO A 296 3.68 -4.19 21.26
C PRO A 296 3.01 -5.01 20.17
N ALA A 297 3.74 -6.00 19.65
CA ALA A 297 3.20 -6.86 18.61
C ALA A 297 2.95 -8.24 19.19
N VAL A 298 1.73 -8.73 19.03
CA VAL A 298 1.38 -10.06 19.51
C VAL A 298 1.42 -10.98 18.32
N GLU A 299 2.32 -11.96 18.36
CA GLU A 299 2.49 -12.91 17.27
C GLU A 299 1.27 -13.80 17.07
N VAL A 300 0.87 -13.98 15.82
CA VAL A 300 -0.24 -14.85 15.49
C VAL A 300 0.46 -16.04 14.88
N ASN A 301 0.58 -17.11 15.66
CA ASN A 301 1.28 -18.30 15.22
C ASN A 301 0.47 -19.57 15.44
N PRO A 302 0.12 -20.28 14.36
CA PRO A 302 0.47 -19.92 12.98
C PRO A 302 -0.38 -18.74 12.51
N PRO A 303 0.09 -18.03 11.47
CA PRO A 303 -0.71 -16.89 10.99
C PRO A 303 -2.10 -17.35 10.57
N VAL A 304 -3.09 -16.52 10.84
CA VAL A 304 -4.46 -16.85 10.47
C VAL A 304 -4.68 -16.50 9.00
N PRO A 305 -5.14 -17.47 8.20
CA PRO A 305 -5.37 -17.19 6.78
C PRO A 305 -6.38 -16.07 6.60
N ALA A 306 -6.29 -15.40 5.45
CA ALA A 306 -7.17 -14.28 5.13
C ALA A 306 -8.60 -14.47 5.61
N VAL A 307 -9.05 -13.53 6.44
CA VAL A 307 -10.40 -13.55 7.00
C VAL A 307 -11.30 -12.68 6.14
N LYS A 308 -12.33 -13.29 5.56
CA LYS A 308 -13.26 -12.56 4.71
C LYS A 308 -13.99 -11.44 5.45
N ALA A 309 -14.36 -11.70 6.71
CA ALA A 309 -15.04 -10.69 7.52
C ALA A 309 -14.00 -9.70 8.07
N SER A 310 -13.40 -8.94 7.18
CA SER A 310 -12.37 -7.97 7.55
C SER A 310 -12.54 -6.67 6.79
N TRP A 311 -12.01 -5.61 7.39
CA TRP A 311 -11.93 -4.31 6.74
C TRP A 311 -10.43 -4.32 6.44
N VAL A 312 -10.09 -4.38 5.15
CA VAL A 312 -8.70 -4.43 4.69
C VAL A 312 -8.38 -3.08 4.08
N HIS A 313 -7.28 -2.46 4.50
CA HIS A 313 -7.00 -1.13 3.98
C HIS A 313 -5.54 -0.72 4.03
N LYS A 314 -5.25 0.42 3.39
CA LYS A 314 -3.92 1.00 3.40
C LYS A 314 -3.95 2.46 2.99
N THR A 315 -3.21 3.28 3.74
CA THR A 315 -3.06 4.69 3.46
C THR A 315 -1.73 4.90 2.75
N GLY A 316 -1.60 5.99 2.01
CA GLY A 316 -0.36 6.27 1.32
C GLY A 316 -0.23 7.75 1.00
N SER A 317 0.98 8.28 1.16
CA SER A 317 1.21 9.68 0.88
C SER A 317 2.61 9.93 0.34
N THR A 318 2.73 10.97 -0.47
CA THR A 318 4.03 11.43 -0.95
C THR A 318 3.91 12.91 -0.65
N GLY A 319 4.89 13.70 -1.07
CA GLY A 319 4.81 15.13 -0.79
C GLY A 319 3.60 15.80 -1.43
N GLY A 320 3.19 15.34 -2.61
CA GLY A 320 2.07 15.97 -3.27
C GLY A 320 0.82 15.15 -3.50
N PHE A 321 0.78 13.94 -2.95
CA PHE A 321 -0.38 13.07 -3.14
C PHE A 321 -0.85 12.39 -1.86
N GLY A 322 -2.15 12.11 -1.80
CA GLY A 322 -2.74 11.42 -0.66
C GLY A 322 -3.69 10.36 -1.20
N SER A 323 -3.48 9.11 -0.81
CA SER A 323 -4.32 8.00 -1.29
C SER A 323 -4.85 7.16 -0.14
N TYR A 324 -5.92 6.41 -0.42
CA TYR A 324 -6.49 5.50 0.57
C TYR A 324 -7.27 4.44 -0.18
N VAL A 325 -7.11 3.19 0.26
CA VAL A 325 -7.83 2.07 -0.33
C VAL A 325 -8.37 1.21 0.80
N ALA A 326 -9.62 0.78 0.67
CA ALA A 326 -10.24 -0.06 1.69
C ALA A 326 -11.29 -0.97 1.08
N PHE A 327 -11.38 -2.19 1.59
CA PHE A 327 -12.41 -3.11 1.10
C PHE A 327 -12.81 -4.11 2.17
N VAL A 328 -14.01 -4.65 2.01
CA VAL A 328 -14.59 -5.62 2.94
C VAL A 328 -14.98 -6.83 2.10
N PRO A 329 -14.14 -7.88 2.09
CA PRO A 329 -14.41 -9.08 1.31
C PRO A 329 -15.79 -9.70 1.53
N GLU A 330 -16.23 -9.74 2.78
CA GLU A 330 -17.53 -10.30 3.12
C GLU A 330 -18.67 -9.64 2.34
N LYS A 331 -18.53 -8.34 2.09
CA LYS A 331 -19.56 -7.57 1.40
C LYS A 331 -19.29 -7.29 -0.07
N ASN A 332 -18.11 -7.67 -0.55
CA ASN A 332 -17.74 -7.43 -1.95
C ASN A 332 -17.87 -5.93 -2.20
N LEU A 333 -17.44 -5.16 -1.20
CA LEU A 333 -17.52 -3.70 -1.19
C LEU A 333 -16.12 -3.10 -1.03
N GLY A 334 -15.86 -2.00 -1.73
CA GLY A 334 -14.55 -1.40 -1.61
C GLY A 334 -14.49 0.01 -2.17
N ILE A 335 -13.40 0.71 -1.87
CA ILE A 335 -13.22 2.06 -2.34
C ILE A 335 -11.76 2.42 -2.53
N VAL A 336 -11.51 3.26 -3.53
CA VAL A 336 -10.18 3.78 -3.84
C VAL A 336 -10.34 5.29 -3.88
N MET A 337 -9.51 6.00 -3.14
CA MET A 337 -9.56 7.46 -3.12
C MET A 337 -8.17 7.98 -3.48
N LEU A 338 -8.04 8.56 -4.67
CA LEU A 338 -6.76 9.11 -5.13
C LEU A 338 -6.86 10.62 -5.21
N ALA A 339 -5.91 11.32 -4.62
CA ALA A 339 -5.91 12.78 -4.62
C ALA A 339 -4.52 13.35 -4.90
N ASN A 340 -4.46 14.46 -5.64
CA ASN A 340 -3.16 15.04 -5.91
C ASN A 340 -2.79 16.17 -4.95
N LYS A 341 -3.07 15.92 -3.68
CA LYS A 341 -2.71 16.77 -2.56
C LYS A 341 -2.74 15.85 -1.34
N SER A 342 -1.73 15.95 -0.49
CA SER A 342 -1.71 15.13 0.70
C SER A 342 -2.55 15.85 1.74
N TYR A 343 -3.48 15.14 2.36
CA TYR A 343 -4.32 15.73 3.40
C TYR A 343 -4.38 14.68 4.52
N PRO A 344 -4.70 15.11 5.75
CA PRO A 344 -4.77 14.21 6.91
C PRO A 344 -5.38 12.84 6.70
N ASN A 345 -4.65 11.81 7.13
CA ASN A 345 -5.14 10.44 6.98
C ASN A 345 -6.51 10.22 7.62
N PRO A 346 -6.74 10.77 8.83
CA PRO A 346 -8.05 10.57 9.46
C PRO A 346 -9.20 11.16 8.63
N VAL A 347 -8.92 12.21 7.88
CA VAL A 347 -9.93 12.84 7.04
C VAL A 347 -10.26 11.88 5.89
N ARG A 348 -9.23 11.21 5.36
CA ARG A 348 -9.42 10.25 4.27
C ARG A 348 -10.29 9.08 4.73
N VAL A 349 -9.92 8.52 5.87
CA VAL A 349 -10.63 7.38 6.41
C VAL A 349 -12.07 7.71 6.76
N GLU A 350 -12.30 8.85 7.39
CA GLU A 350 -13.66 9.25 7.74
C GLU A 350 -14.52 9.40 6.48
N ALA A 351 -13.96 10.00 5.43
CA ALA A 351 -14.69 10.19 4.19
C ALA A 351 -15.04 8.83 3.57
N ALA A 352 -14.06 7.93 3.54
CA ALA A 352 -14.29 6.60 2.99
C ALA A 352 -15.38 5.89 3.77
N TRP A 353 -15.34 6.01 5.10
CA TRP A 353 -16.33 5.37 5.94
C TRP A 353 -17.75 5.88 5.69
N ARG A 354 -17.90 7.21 5.57
CA ARG A 354 -19.22 7.78 5.32
C ARG A 354 -19.80 7.27 4.01
N ILE A 355 -18.95 7.12 3.01
CA ILE A 355 -19.40 6.63 1.72
C ILE A 355 -19.81 5.17 1.75
N LEU A 356 -18.94 4.31 2.28
CA LEU A 356 -19.26 2.89 2.32
C LEU A 356 -20.41 2.57 3.27
N GLU A 357 -20.60 3.39 4.30
CA GLU A 357 -21.68 3.16 5.25
C GLU A 357 -23.03 3.31 4.54
N LYS A 358 -23.04 4.07 3.45
CA LYS A 358 -24.28 4.28 2.69
C LYS A 358 -24.45 3.25 1.58
N LEU A 359 -23.47 2.36 1.44
CA LEU A 359 -23.52 1.34 0.40
C LEU A 359 -23.56 -0.07 0.99
N GLN A 360 -24.09 -0.19 2.22
CA GLN A 360 -24.17 -1.48 2.88
C GLN A 360 -25.31 -2.32 2.31
P8 PTX B . 3.61 5.94 3.26
O81 PTX B . 2.79 6.66 2.26
O82 PTX B . 3.12 5.87 4.64
C7 PTX B . 5.27 6.48 3.21
N10 PTX B . 5.38 7.86 2.75
C11 PTX B . 6.43 8.60 3.10
O12 PTX B . 7.39 8.13 3.73
C13 PTX B . 6.31 9.96 2.63
N16 PTX B . 5.52 10.97 3.20
O17 PTX B . 4.76 10.56 4.38
C18 PTX B . 4.24 11.77 4.94
C14 PTX B . 7.03 10.41 1.46
C15 PTX B . 7.79 9.53 0.56
S16 PTX B . 8.49 10.34 -0.68
C17 PTX B . 7.85 11.81 -0.12
N18 PTX B . 8.07 13.05 -0.74
N19 PTX B . 7.15 11.65 0.97
C1 MPD C . 11.02 12.05 5.01
C2 MPD C . 10.62 12.63 3.66
O2 MPD C . 9.22 12.97 3.79
CM MPD C . 11.39 13.87 3.35
C3 MPD C . 10.71 11.64 2.48
C4 MPD C . 11.98 10.78 2.38
O4 MPD C . 11.66 9.48 1.92
C5 MPD C . 12.97 11.37 1.39
#